data_8HML
#
_entry.id   8HML
#
_cell.length_a   46.279
_cell.length_b   46.279
_cell.length_c   366.859
_cell.angle_alpha   90.000
_cell.angle_beta   90.000
_cell.angle_gamma   120.000
#
_symmetry.space_group_name_H-M   'P 31 2 1'
#
loop_
_entity.id
_entity.type
_entity.pdbx_description
1 polymer 'DNA-binding response OmpR family regulator'
2 polymer "DNA (5'-D(*AP*CP*GP*TP*AP*AP*CP*AP*TP*CP*GP*CP*GP*GP*TP*AP*AP*CP*AP*C)-3')"
3 polymer "DNA (5'-D(*GP*TP*GP*TP*TP*AP*CP*CP*GP*CP*GP*AP*TP*GP*TP*TP*AP*CP*GP*T)-3')"
4 water water
#
loop_
_entity_poly.entity_id
_entity_poly.type
_entity_poly.pdbx_seq_one_letter_code
_entity_poly.pdbx_strand_id
1 'polypeptide(L)'
;MHHHHHHMAGMLTVGDLVIEESTYTARLKGRALELTYKEFELLKYLAQHAGRVFTRAQLLQEVWGYDFFGGTRTVDVHVR
RLRAKLGPEYDSMIGTVRNVGYKFVRPSRSSQPASPIVAEERQDAATQADAPAQRSAESAVVR
;
A,B
2 'polydeoxyribonucleotide' (DA)(DC)(DG)(DT)(DA)(DA)(DC)(DA)(DT)(DC)(DG)(DC)(DG)(DG)(DT)(DA)(DA)(DC)(DA)(DC) D
3 'polydeoxyribonucleotide' (DG)(DT)(DG)(DT)(DT)(DA)(DC)(DC)(DG)(DC)(DG)(DA)(DT)(DG)(DT)(DT)(DA)(DC)(DG)(DT) C
#
loop_
_chem_comp.id
_chem_comp.type
_chem_comp.name
_chem_comp.formula
DA DNA linking 2'-DEOXYADENOSINE-5'-MONOPHOSPHATE 'C10 H14 N5 O6 P'
DC DNA linking 2'-DEOXYCYTIDINE-5'-MONOPHOSPHATE 'C9 H14 N3 O7 P'
DG DNA linking 2'-DEOXYGUANOSINE-5'-MONOPHOSPHATE 'C10 H14 N5 O7 P'
DT DNA linking THYMIDINE-5'-MONOPHOSPHATE 'C10 H15 N2 O8 P'
#
# COMPACT_ATOMS: atom_id res chain seq x y z
N MET A 8 13.69 -8.06 -2.12
CA MET A 8 12.77 -8.08 -3.25
C MET A 8 11.81 -9.25 -3.14
N ALA A 9 10.52 -8.95 -3.01
CA ALA A 9 9.48 -9.95 -2.80
C ALA A 9 8.45 -9.99 -3.91
N GLY A 10 7.94 -8.84 -4.33
CA GLY A 10 7.00 -8.76 -5.43
C GLY A 10 7.17 -7.46 -6.18
N MET A 11 8.39 -6.92 -6.13
CA MET A 11 8.70 -5.62 -6.70
C MET A 11 8.94 -5.74 -8.21
N LEU A 12 8.61 -4.65 -8.92
CA LEU A 12 8.67 -4.61 -10.38
C LEU A 12 9.35 -3.32 -10.82
N THR A 13 9.99 -3.36 -11.98
CA THR A 13 10.68 -2.19 -12.52
C THR A 13 10.58 -2.17 -14.04
N VAL A 14 10.01 -1.10 -14.58
CA VAL A 14 10.04 -0.81 -16.02
C VAL A 14 10.50 0.64 -16.18
N GLY A 15 11.60 0.84 -16.90
CA GLY A 15 12.15 2.18 -17.03
C GLY A 15 12.51 2.74 -15.68
N ASP A 16 12.03 3.95 -15.41
CA ASP A 16 12.18 4.56 -14.09
C ASP A 16 10.94 4.38 -13.21
N LEU A 17 9.92 3.69 -13.72
CA LEU A 17 8.78 3.32 -12.89
C LEU A 17 9.11 2.07 -12.08
N VAL A 18 8.81 2.10 -10.80
CA VAL A 18 8.98 0.96 -9.90
C VAL A 18 7.70 0.76 -9.12
N ILE A 19 7.18 -0.46 -9.14
CA ILE A 19 5.92 -0.80 -8.48
C ILE A 19 6.22 -1.88 -7.46
N GLU A 20 6.33 -1.49 -6.19
CA GLU A 20 6.66 -2.42 -5.11
C GLU A 20 5.38 -2.76 -4.36
N GLU A 21 4.80 -3.92 -4.70
CA GLU A 21 3.56 -4.35 -4.07
C GLU A 21 3.75 -4.63 -2.57
N SER A 22 4.98 -4.95 -2.15
CA SER A 22 5.29 -5.14 -0.74
C SER A 22 4.90 -3.94 0.08
N THR A 23 5.61 -2.83 -0.10
CA THR A 23 5.29 -1.57 0.58
C THR A 23 4.08 -0.88 -0.02
N TYR A 24 3.51 -1.45 -1.09
CA TYR A 24 2.37 -0.87 -1.81
C TYR A 24 2.63 0.58 -2.20
N THR A 25 3.76 0.79 -2.88
CA THR A 25 4.10 2.10 -3.41
C THR A 25 4.42 2.00 -4.89
N ALA A 26 4.20 3.11 -5.60
CA ALA A 26 4.62 3.28 -6.98
C ALA A 26 5.41 4.58 -7.05
N ARG A 27 6.57 4.53 -7.68
CA ARG A 27 7.51 5.65 -7.60
C ARG A 27 8.23 5.82 -8.93
N LEU A 28 8.44 7.09 -9.31
CA LEU A 28 8.98 7.47 -10.61
C LEU A 28 10.32 8.18 -10.37
N LYS A 29 11.38 7.39 -10.19
CA LYS A 29 12.73 7.90 -9.95
C LYS A 29 12.76 8.84 -8.75
N GLY A 30 12.24 8.35 -7.62
CA GLY A 30 12.25 9.06 -6.37
C GLY A 30 10.94 9.74 -6.02
N ARG A 31 10.17 10.17 -7.02
CA ARG A 31 8.91 10.86 -6.79
C ARG A 31 7.80 9.83 -6.63
N ALA A 32 7.33 9.65 -5.40
CA ALA A 32 6.28 8.68 -5.12
C ALA A 32 4.97 9.13 -5.75
N LEU A 33 4.30 8.20 -6.42
CA LEU A 33 2.98 8.44 -6.99
C LEU A 33 1.92 8.10 -5.95
N GLU A 34 1.10 9.09 -5.58
CA GLU A 34 -0.04 8.86 -4.71
C GLU A 34 -1.24 8.50 -5.59
N LEU A 35 -1.53 7.21 -5.70
CA LEU A 35 -2.57 6.71 -6.57
C LEU A 35 -3.72 6.16 -5.75
N THR A 36 -4.91 6.14 -6.36
CA THR A 36 -6.03 5.45 -5.76
C THR A 36 -5.77 3.94 -5.78
N TYR A 37 -6.69 3.17 -5.21
CA TYR A 37 -6.54 1.73 -5.21
C TYR A 37 -6.56 1.17 -6.63
N LYS A 38 -7.59 1.55 -7.41
CA LYS A 38 -7.72 0.98 -8.75
C LYS A 38 -6.67 1.51 -9.71
N GLU A 39 -6.27 2.77 -9.57
CA GLU A 39 -5.14 3.29 -10.34
C GLU A 39 -3.89 2.46 -10.12
N PHE A 40 -3.73 1.93 -8.89
CA PHE A 40 -2.59 1.06 -8.60
C PHE A 40 -2.78 -0.32 -9.21
N GLU A 41 -3.94 -0.94 -8.94
CA GLU A 41 -4.22 -2.26 -9.49
C GLU A 41 -4.31 -2.25 -11.02
N LEU A 42 -4.50 -1.07 -11.61
CA LEU A 42 -4.49 -0.94 -13.07
C LEU A 42 -3.08 -0.70 -13.60
N LEU A 43 -2.38 0.29 -13.05
CA LEU A 43 -1.01 0.56 -13.48
C LEU A 43 -0.11 -0.64 -13.24
N LYS A 44 -0.33 -1.39 -12.15
CA LYS A 44 0.49 -2.55 -11.89
C LYS A 44 0.21 -3.68 -12.88
N TYR A 45 -1.07 -3.94 -13.16
CA TYR A 45 -1.41 -5.00 -14.10
C TYR A 45 -0.84 -4.71 -15.49
N LEU A 46 -1.02 -3.47 -15.97
CA LEU A 46 -0.51 -3.12 -17.28
C LEU A 46 1.02 -3.23 -17.34
N ALA A 47 1.70 -2.85 -16.27
CA ALA A 47 3.14 -3.01 -16.21
C ALA A 47 3.56 -4.46 -15.98
N GLN A 48 2.73 -5.24 -15.27
CA GLN A 48 2.96 -6.67 -15.13
C GLN A 48 2.82 -7.43 -16.44
N HIS A 49 2.39 -6.76 -17.51
CA HIS A 49 2.26 -7.38 -18.82
C HIS A 49 2.57 -6.34 -19.90
N ALA A 50 3.76 -5.73 -19.81
CA ALA A 50 4.12 -4.66 -20.73
C ALA A 50 4.06 -5.13 -22.17
N GLY A 51 3.69 -4.22 -23.07
CA GLY A 51 3.64 -4.47 -24.49
C GLY A 51 2.33 -5.05 -25.00
N ARG A 52 1.63 -5.83 -24.17
CA ARG A 52 0.40 -6.48 -24.59
C ARG A 52 -0.79 -5.57 -24.35
N VAL A 53 -1.63 -5.41 -25.37
CA VAL A 53 -2.82 -4.57 -25.26
C VAL A 53 -3.96 -5.40 -24.69
N PHE A 54 -4.68 -4.82 -23.74
CA PHE A 54 -5.84 -5.44 -23.13
C PHE A 54 -7.08 -4.63 -23.47
N THR A 55 -8.23 -5.31 -23.49
CA THR A 55 -9.51 -4.67 -23.74
C THR A 55 -10.18 -4.31 -22.41
N ARG A 56 -11.21 -3.47 -22.50
CA ARG A 56 -11.89 -3.00 -21.31
C ARG A 56 -12.52 -4.16 -20.54
N ALA A 57 -13.20 -5.07 -21.25
CA ALA A 57 -13.80 -6.22 -20.59
C ALA A 57 -12.74 -7.09 -19.93
N GLN A 58 -11.58 -7.25 -20.57
CA GLN A 58 -10.48 -7.97 -19.95
C GLN A 58 -9.98 -7.24 -18.72
N LEU A 59 -9.66 -5.95 -18.87
CA LEU A 59 -9.14 -5.16 -17.77
C LEU A 59 -10.13 -5.07 -16.62
N LEU A 60 -11.43 -5.08 -16.93
CA LEU A 60 -12.44 -5.02 -15.88
C LEU A 60 -12.56 -6.36 -15.15
N GLN A 61 -12.59 -7.46 -15.89
CA GLN A 61 -12.73 -8.76 -15.24
C GLN A 61 -11.54 -9.12 -14.36
N GLU A 62 -10.36 -8.57 -14.65
CA GLU A 62 -9.17 -8.86 -13.85
C GLU A 62 -8.97 -7.85 -12.73
N VAL A 63 -8.82 -6.57 -13.09
CA VAL A 63 -8.50 -5.55 -12.09
C VAL A 63 -9.72 -5.26 -11.21
N TRP A 64 -10.90 -5.12 -11.82
CA TRP A 64 -12.12 -4.95 -11.02
C TRP A 64 -12.58 -6.31 -10.48
N GLY A 65 -13.12 -7.15 -11.35
CA GLY A 65 -13.52 -8.49 -10.95
C GLY A 65 -14.87 -8.92 -11.48
N TYR A 66 -15.19 -10.21 -11.34
CA TYR A 66 -16.46 -10.74 -11.79
C TYR A 66 -17.57 -10.38 -10.82
N GLY A 70 -22.80 -1.62 -20.09
CA GLY A 70 -22.56 -1.00 -18.81
C GLY A 70 -21.61 0.19 -18.90
N GLY A 71 -21.06 0.60 -17.75
CA GLY A 71 -20.16 1.73 -17.71
C GLY A 71 -18.71 1.34 -17.88
N THR A 72 -18.32 0.96 -19.10
CA THR A 72 -16.94 0.55 -19.35
C THR A 72 -15.97 1.72 -19.35
N ARG A 73 -16.47 2.95 -19.44
CA ARG A 73 -15.58 4.09 -19.55
C ARG A 73 -14.86 4.42 -18.25
N THR A 74 -15.15 3.73 -17.16
CA THR A 74 -14.39 3.92 -15.93
C THR A 74 -12.92 3.60 -16.13
N VAL A 75 -12.60 2.72 -17.09
CA VAL A 75 -11.21 2.46 -17.42
C VAL A 75 -10.57 3.68 -18.06
N ASP A 76 -11.28 4.32 -19.00
CA ASP A 76 -10.78 5.53 -19.61
C ASP A 76 -10.51 6.61 -18.57
N VAL A 77 -11.43 6.77 -17.62
CA VAL A 77 -11.23 7.75 -16.54
C VAL A 77 -9.99 7.38 -15.73
N HIS A 78 -9.88 6.11 -15.32
CA HIS A 78 -8.73 5.68 -14.54
C HIS A 78 -7.44 5.79 -15.33
N VAL A 79 -7.50 5.58 -16.64
CA VAL A 79 -6.31 5.76 -17.46
C VAL A 79 -5.91 7.23 -17.50
N ARG A 80 -6.89 8.12 -17.69
CA ARG A 80 -6.57 9.56 -17.71
C ARG A 80 -5.97 10.00 -16.37
N ARG A 81 -6.62 9.62 -15.26
CA ARG A 81 -6.09 10.00 -13.95
C ARG A 81 -4.68 9.45 -13.75
N LEU A 82 -4.42 8.24 -14.27
CA LEU A 82 -3.08 7.68 -14.20
C LEU A 82 -2.09 8.49 -15.02
N ARG A 83 -2.44 8.79 -16.28
CA ARG A 83 -1.53 9.55 -17.13
C ARG A 83 -1.32 10.96 -16.60
N ALA A 84 -2.37 11.58 -16.05
CA ALA A 84 -2.22 12.92 -15.49
C ALA A 84 -1.29 12.92 -14.29
N LYS A 85 -1.37 11.88 -13.46
CA LYS A 85 -0.48 11.78 -12.30
C LYS A 85 0.94 11.43 -12.72
N LEU A 86 1.10 10.68 -13.81
CA LEU A 86 2.44 10.37 -14.31
C LEU A 86 3.14 11.62 -14.79
N GLY A 87 2.44 12.47 -15.54
CA GLY A 87 3.00 13.70 -16.03
C GLY A 87 3.38 13.62 -17.50
N PRO A 88 3.82 14.74 -18.07
CA PRO A 88 4.24 14.71 -19.48
C PRO A 88 5.47 13.85 -19.73
N GLU A 89 6.44 13.90 -18.81
CA GLU A 89 7.65 13.08 -18.92
C GLU A 89 7.34 11.60 -19.02
N TYR A 90 6.18 11.16 -18.51
CA TYR A 90 5.83 9.75 -18.54
C TYR A 90 4.39 9.53 -19.00
N ASP A 91 3.77 10.54 -19.65
CA ASP A 91 2.46 10.37 -20.25
C ASP A 91 2.42 9.17 -21.18
N SER A 92 3.50 8.94 -21.93
CA SER A 92 3.52 7.92 -22.97
C SER A 92 3.42 6.51 -22.41
N MET A 93 3.69 6.31 -21.11
CA MET A 93 3.80 4.96 -20.55
C MET A 93 2.53 4.15 -20.69
N ILE A 94 1.39 4.78 -20.98
CA ILE A 94 0.13 4.08 -21.14
C ILE A 94 -0.41 4.45 -22.52
N GLY A 95 -0.32 3.54 -23.47
CA GLY A 95 -0.70 3.79 -24.85
C GLY A 95 -2.12 3.33 -25.16
N THR A 96 -2.74 4.03 -26.11
CA THR A 96 -4.09 3.73 -26.55
C THR A 96 -4.05 3.01 -27.90
N VAL A 97 -4.90 2.00 -28.05
CA VAL A 97 -5.09 1.30 -29.31
C VAL A 97 -6.55 1.43 -29.69
N ARG A 98 -6.84 2.24 -30.70
CA ARG A 98 -8.22 2.53 -31.09
C ARG A 98 -8.97 1.25 -31.41
N ASN A 99 -10.20 1.15 -30.89
CA ASN A 99 -11.08 0.00 -31.09
C ASN A 99 -10.54 -1.29 -30.50
N VAL A 100 -9.59 -1.19 -29.56
CA VAL A 100 -9.05 -2.37 -28.89
C VAL A 100 -9.00 -2.12 -27.39
N GLY A 101 -8.08 -1.25 -26.97
CA GLY A 101 -7.94 -0.95 -25.55
C GLY A 101 -6.64 -0.21 -25.28
N TYR A 102 -6.07 -0.48 -24.10
CA TYR A 102 -4.87 0.19 -23.63
C TYR A 102 -3.76 -0.83 -23.42
N LYS A 103 -2.55 -0.31 -23.25
CA LYS A 103 -1.40 -1.14 -22.94
C LYS A 103 -0.26 -0.27 -22.41
N PHE A 104 0.43 -0.78 -21.39
CA PHE A 104 1.70 -0.21 -20.99
C PHE A 104 2.69 -0.34 -22.14
N VAL A 105 3.41 0.74 -22.43
CA VAL A 105 4.45 0.73 -23.44
C VAL A 105 5.79 0.95 -22.75
N ARG A 106 6.80 0.22 -23.20
CA ARG A 106 8.11 0.25 -22.57
C ARG A 106 8.87 1.48 -23.04
N PRO A 107 9.65 2.11 -22.16
CA PRO A 107 10.54 3.19 -22.59
C PRO A 107 11.69 2.65 -23.41
N SER A 108 12.49 3.57 -23.94
CA SER A 108 13.63 3.22 -24.78
C SER A 108 14.64 2.36 -24.00
N VAL B 14 14.26 0.86 15.24
CA VAL B 14 14.72 1.50 16.47
C VAL B 14 15.03 2.96 16.14
N GLY B 15 14.22 3.54 15.27
CA GLY B 15 14.34 4.95 14.94
C GLY B 15 13.76 5.82 16.04
N ASP B 16 14.41 5.79 17.21
CA ASP B 16 14.02 6.35 18.51
C ASP B 16 13.16 5.39 19.32
N LEU B 17 12.64 4.32 18.73
CA LEU B 17 11.69 3.42 19.39
C LEU B 17 12.39 2.10 19.75
N VAL B 18 12.55 1.86 21.04
CA VAL B 18 13.08 0.60 21.55
C VAL B 18 11.91 -0.23 22.08
N ILE B 19 11.77 -1.44 21.57
CA ILE B 19 10.72 -2.37 22.00
C ILE B 19 11.38 -3.50 22.77
N GLU B 20 10.81 -3.82 23.93
CA GLU B 20 11.37 -4.84 24.82
C GLU B 20 10.55 -6.12 24.71
N GLU B 21 11.24 -7.23 24.43
CA GLU B 21 10.56 -8.48 24.11
C GLU B 21 10.04 -9.19 25.34
N SER B 22 10.90 -9.40 26.35
CA SER B 22 10.48 -10.13 27.53
C SER B 22 9.54 -9.30 28.40
N THR B 23 9.79 -7.99 28.48
CA THR B 23 9.01 -7.13 29.38
C THR B 23 7.70 -6.66 28.75
N TYR B 24 7.46 -6.93 27.47
CA TYR B 24 6.20 -6.59 26.81
C TYR B 24 5.94 -5.08 26.86
N THR B 25 6.97 -4.29 26.56
CA THR B 25 6.90 -2.85 26.66
C THR B 25 7.51 -2.21 25.43
N ALA B 26 7.50 -0.88 25.41
CA ALA B 26 8.09 -0.11 24.33
C ALA B 26 8.37 1.30 24.82
N ARG B 27 9.53 1.85 24.46
CA ARG B 27 9.88 3.21 24.81
C ARG B 27 10.34 3.96 23.56
N LEU B 28 10.08 5.27 23.56
CA LEU B 28 10.45 6.17 22.47
C LEU B 28 11.31 7.28 23.07
N LYS B 29 12.63 7.05 23.08
CA LYS B 29 13.61 8.01 23.60
C LYS B 29 13.52 8.16 25.11
N GLY B 30 13.28 7.06 25.81
CA GLY B 30 13.25 7.07 27.25
C GLY B 30 11.90 7.24 27.89
N ARG B 31 10.89 7.68 27.16
CA ARG B 31 9.55 7.85 27.71
C ARG B 31 8.80 6.54 27.45
N ALA B 32 8.68 5.74 28.50
CA ALA B 32 8.09 4.42 28.42
C ALA B 32 6.65 4.51 27.95
N LEU B 33 6.35 3.85 26.85
CA LEU B 33 4.99 3.81 26.34
C LEU B 33 4.22 2.73 27.09
N GLU B 34 3.18 3.14 27.81
CA GLU B 34 2.31 2.20 28.52
C GLU B 34 1.32 1.62 27.51
N LEU B 35 1.63 0.44 26.98
CA LEU B 35 0.75 -0.20 26.02
C LEU B 35 -0.04 -1.31 26.67
N THR B 36 -1.27 -1.48 26.19
CA THR B 36 -1.83 -2.80 26.34
C THR B 36 -1.08 -3.76 25.43
N TYR B 37 -1.37 -5.03 25.64
CA TYR B 37 -0.57 -6.10 25.09
C TYR B 37 -0.94 -6.39 23.64
N LYS B 38 -2.23 -6.27 23.30
CA LYS B 38 -2.65 -6.28 21.90
C LYS B 38 -2.06 -5.11 21.11
N GLU B 39 -1.99 -3.91 21.72
CA GLU B 39 -1.32 -2.79 21.05
C GLU B 39 0.18 -3.01 20.96
N PHE B 40 0.77 -3.70 21.94
CA PHE B 40 2.19 -4.02 21.87
C PHE B 40 2.46 -5.02 20.75
N GLU B 41 1.62 -6.05 20.64
CA GLU B 41 1.79 -7.05 19.60
C GLU B 41 1.63 -6.45 18.21
N LEU B 42 0.66 -5.54 18.04
CA LEU B 42 0.46 -4.92 16.74
C LEU B 42 1.65 -4.06 16.36
N LEU B 43 2.15 -3.26 17.30
CA LEU B 43 3.29 -2.40 17.01
C LEU B 43 4.55 -3.21 16.72
N LYS B 44 4.78 -4.27 17.49
CA LYS B 44 5.96 -5.11 17.27
C LYS B 44 5.92 -5.75 15.90
N TYR B 45 4.80 -6.37 15.54
CA TYR B 45 4.67 -7.02 14.24
C TYR B 45 4.79 -6.00 13.11
N LEU B 46 4.24 -4.80 13.31
CA LEU B 46 4.38 -3.76 12.29
C LEU B 46 5.83 -3.29 12.19
N ALA B 47 6.50 -3.12 13.33
CA ALA B 47 7.89 -2.70 13.33
C ALA B 47 8.86 -3.83 13.00
N GLN B 48 8.45 -5.08 13.23
CA GLN B 48 9.31 -6.21 12.85
C GLN B 48 9.36 -6.37 11.34
N HIS B 49 8.30 -5.96 10.63
CA HIS B 49 8.28 -5.99 9.17
C HIS B 49 8.13 -4.57 8.66
N ALA B 50 9.01 -3.67 9.11
CA ALA B 50 8.86 -2.24 8.83
C ALA B 50 8.79 -1.97 7.33
N GLY B 51 7.94 -1.01 6.97
CA GLY B 51 7.74 -0.63 5.59
C GLY B 51 6.70 -1.46 4.85
N ARG B 52 6.47 -2.68 5.28
CA ARG B 52 5.50 -3.55 4.61
C ARG B 52 4.09 -3.28 5.14
N VAL B 53 3.13 -3.21 4.22
CA VAL B 53 1.73 -3.03 4.57
C VAL B 53 1.10 -4.39 4.83
N PHE B 54 0.19 -4.44 5.79
CA PHE B 54 -0.53 -5.66 6.12
C PHE B 54 -2.02 -5.39 6.14
N THR B 55 -2.79 -6.31 5.57
CA THR B 55 -4.24 -6.18 5.56
C THR B 55 -4.81 -6.49 6.94
N ARG B 56 -6.12 -6.28 7.09
CA ARG B 56 -6.75 -6.56 8.37
C ARG B 56 -6.91 -8.05 8.61
N ALA B 57 -7.09 -8.85 7.55
CA ALA B 57 -7.11 -10.30 7.71
C ALA B 57 -5.75 -10.81 8.18
N GLN B 58 -4.67 -10.29 7.58
CA GLN B 58 -3.33 -10.66 8.01
C GLN B 58 -3.12 -10.32 9.48
N LEU B 59 -3.36 -9.05 9.84
CA LEU B 59 -3.16 -8.62 11.22
C LEU B 59 -4.06 -9.38 12.18
N LEU B 60 -5.28 -9.71 11.74
CA LEU B 60 -6.24 -10.33 12.66
C LEU B 60 -5.83 -11.76 13.00
N GLN B 61 -5.27 -12.50 12.05
CA GLN B 61 -4.87 -13.87 12.34
C GLN B 61 -3.43 -13.98 12.82
N GLU B 62 -2.58 -13.00 12.51
CA GLU B 62 -1.21 -13.02 13.01
C GLU B 62 -1.12 -12.43 14.41
N VAL B 63 -1.73 -11.26 14.62
CA VAL B 63 -1.63 -10.56 15.89
C VAL B 63 -2.71 -10.99 16.86
N TRP B 64 -3.94 -11.16 16.38
CA TRP B 64 -5.02 -11.72 17.18
C TRP B 64 -5.12 -13.22 16.92
N GLY B 65 -5.78 -13.91 17.83
CA GLY B 65 -6.01 -15.33 17.66
C GLY B 65 -7.25 -15.61 16.82
N TYR B 66 -8.28 -14.79 17.01
CA TYR B 66 -9.57 -15.03 16.39
C TYR B 66 -9.57 -14.64 14.92
N ASP B 67 -10.40 -15.33 14.15
CA ASP B 67 -10.72 -14.99 12.76
C ASP B 67 -12.14 -14.44 12.76
N PHE B 68 -12.26 -13.16 13.15
CA PHE B 68 -13.57 -12.56 13.35
C PHE B 68 -14.46 -12.69 12.11
N PHE B 69 -13.86 -12.64 10.93
CA PHE B 69 -14.52 -13.00 9.66
C PHE B 69 -15.85 -12.28 9.50
N GLY B 70 -15.77 -10.95 9.46
CA GLY B 70 -16.96 -10.14 9.35
C GLY B 70 -17.26 -9.37 10.62
N GLY B 71 -16.51 -8.29 10.83
CA GLY B 71 -16.70 -7.47 12.02
C GLY B 71 -15.41 -6.83 12.49
N THR B 72 -15.00 -7.16 13.70
CA THR B 72 -13.81 -6.58 14.32
C THR B 72 -13.87 -5.06 14.34
N ARG B 73 -13.23 -4.42 13.36
CA ARG B 73 -12.87 -3.01 13.42
C ARG B 73 -12.00 -2.70 14.63
N THR B 74 -11.53 -3.73 15.33
CA THR B 74 -10.66 -3.58 16.48
C THR B 74 -9.21 -3.35 16.08
N VAL B 75 -8.85 -3.72 14.85
CA VAL B 75 -7.55 -3.31 14.30
C VAL B 75 -7.52 -1.81 14.10
N ASP B 76 -8.58 -1.26 13.50
CA ASP B 76 -8.68 0.19 13.33
C ASP B 76 -8.65 0.90 14.67
N VAL B 77 -9.37 0.36 15.66
CA VAL B 77 -9.43 1.00 16.97
C VAL B 77 -8.08 0.92 17.67
N HIS B 78 -7.39 -0.22 17.56
CA HIS B 78 -6.11 -0.37 18.25
C HIS B 78 -5.05 0.53 17.65
N VAL B 79 -5.05 0.71 16.33
CA VAL B 79 -4.09 1.62 15.70
C VAL B 79 -4.29 3.04 16.20
N ARG B 80 -5.55 3.43 16.43
CA ARG B 80 -5.83 4.77 16.95
C ARG B 80 -5.28 4.92 18.36
N ARG B 81 -5.55 3.95 19.24
CA ARG B 81 -4.97 3.97 20.57
C ARG B 81 -3.45 3.98 20.50
N LEU B 82 -2.89 3.13 19.62
CA LEU B 82 -1.45 3.14 19.37
C LEU B 82 -0.98 4.54 18.96
N ARG B 83 -1.66 5.14 17.99
CA ARG B 83 -1.25 6.45 17.47
C ARG B 83 -1.31 7.53 18.55
N ALA B 84 -2.28 7.44 19.46
CA ALA B 84 -2.42 8.47 20.49
C ALA B 84 -1.24 8.47 21.45
N LYS B 85 -0.80 7.28 21.86
CA LYS B 85 0.31 7.20 22.81
C LYS B 85 1.63 7.61 22.19
N LEU B 86 1.77 7.52 20.87
CA LEU B 86 2.96 8.04 20.21
C LEU B 86 2.95 9.57 20.18
N GLY B 87 1.77 10.18 20.17
CA GLY B 87 1.66 11.62 20.19
C GLY B 87 1.80 12.24 18.81
N PRO B 88 1.63 13.56 18.73
CA PRO B 88 1.65 14.23 17.42
C PRO B 88 3.04 14.36 16.84
N GLU B 89 4.03 13.75 17.48
CA GLU B 89 5.39 13.71 16.96
C GLU B 89 5.64 12.43 16.17
N TYR B 90 5.29 11.28 16.75
CA TYR B 90 5.60 9.98 16.17
C TYR B 90 4.37 9.24 15.66
N ASP B 91 3.21 9.90 15.60
CA ASP B 91 2.01 9.22 15.13
C ASP B 91 2.10 8.82 13.66
N SER B 92 3.03 9.41 12.91
CA SER B 92 3.26 9.00 11.53
C SER B 92 3.94 7.65 11.43
N MET B 93 4.47 7.11 12.53
CA MET B 93 5.16 5.83 12.49
C MET B 93 4.25 4.70 12.02
N ILE B 94 2.94 4.86 12.13
CA ILE B 94 1.99 3.91 11.58
C ILE B 94 1.21 4.62 10.48
N GLY B 95 1.36 4.14 9.24
CA GLY B 95 0.72 4.74 8.10
C GLY B 95 -0.52 3.96 7.67
N THR B 96 -1.44 4.66 7.02
CA THR B 96 -2.71 4.08 6.58
C THR B 96 -2.69 3.89 5.07
N VAL B 97 -3.02 2.68 4.64
CA VAL B 97 -3.09 2.34 3.23
C VAL B 97 -4.56 2.05 2.93
N ARG B 98 -5.23 2.99 2.27
CA ARG B 98 -6.68 2.89 2.07
C ARG B 98 -7.02 1.67 1.22
N ASN B 99 -8.06 0.94 1.65
CA ASN B 99 -8.57 -0.30 1.09
C ASN B 99 -7.62 -1.48 1.27
N VAL B 100 -6.47 -1.29 1.90
CA VAL B 100 -5.52 -2.39 2.07
C VAL B 100 -5.26 -2.63 3.57
N GLY B 101 -4.57 -1.71 4.23
CA GLY B 101 -4.29 -1.89 5.64
C GLY B 101 -3.39 -0.82 6.20
N TYR B 102 -2.55 -1.22 7.15
CA TYR B 102 -1.64 -0.33 7.84
C TYR B 102 -0.20 -0.82 7.68
N LYS B 103 0.75 0.05 8.02
CA LYS B 103 2.16 -0.28 7.93
C LYS B 103 2.95 0.63 8.86
N PHE B 104 4.08 0.11 9.33
CA PHE B 104 5.04 0.95 10.03
C PHE B 104 5.78 1.81 9.02
N VAL B 105 6.08 3.05 9.41
CA VAL B 105 6.78 4.01 8.56
C VAL B 105 8.06 4.43 9.25
N ARG B 106 9.17 4.38 8.51
CA ARG B 106 10.48 4.76 9.04
C ARG B 106 10.79 6.21 8.69
N PRO B 107 11.10 7.05 9.66
CA PRO B 107 11.73 8.33 9.35
C PRO B 107 13.12 8.12 8.78
N SER B 108 13.54 9.04 7.91
CA SER B 108 12.76 10.22 7.55
C SER B 108 12.27 10.14 6.11
#